data_3NX2
#
_entry.id   3NX2
#
_cell.length_a   43.334
_cell.length_b   88.740
_cell.length_c   49.017
_cell.angle_alpha   90.00
_cell.angle_beta   102.30
_cell.angle_gamma   90.00
#
_symmetry.space_group_name_H-M   'P 1 21 1'
#
loop_
_entity.id
_entity.type
_entity.pdbx_description
1 polymer 'Ferulic acid decarboxylase'
2 non-polymer '3-(4-HYDROXY-3-METHOXYPHENYL)-2-PROPENOIC ACID'
3 water water
#
_entity_poly.entity_id   1
_entity_poly.type   'polypeptide(L)'
_entity_poly.pdbx_seq_one_letter_code
;MNTFDKHDLSGFVGKHLVYTYDNGWNYEIYVKNDNTIDYRIHSGLVGNRWVKDQEAYIVRVGESIYKISWTEPTGTDVSL
IVNLGDSLFHGTIFFPRWVMNNPEPTVCFQNDHIPLMNSYREAGPAYPTEVIDEFATITFVRDCGANNESVIACAASELP
KNFPDNLK
;
_entity_poly.pdbx_strand_id   A,B
#
# COMPACT_ATOMS: atom_id res chain seq x y z
N ASP A 5 16.44 -10.76 10.48
CA ASP A 5 16.04 -11.55 9.30
C ASP A 5 14.70 -11.03 8.76
N LYS A 6 14.75 -10.37 7.60
CA LYS A 6 13.57 -9.70 6.98
C LYS A 6 12.53 -10.70 6.49
N HIS A 7 12.95 -11.96 6.36
CA HIS A 7 12.07 -13.05 6.00
C HIS A 7 11.41 -13.82 7.17
N ASP A 8 11.88 -13.58 8.37
CA ASP A 8 11.37 -14.17 9.59
C ASP A 8 10.12 -13.40 10.16
N LEU A 9 8.96 -14.04 10.11
CA LEU A 9 7.68 -13.43 10.55
C LEU A 9 7.18 -13.99 11.87
N SER A 10 8.08 -14.71 12.57
CA SER A 10 7.88 -15.19 13.96
C SER A 10 7.23 -14.22 14.91
N GLY A 11 7.70 -12.97 14.84
CA GLY A 11 7.29 -11.95 15.81
C GLY A 11 5.92 -11.36 15.50
N PHE A 12 5.34 -11.81 14.39
CA PHE A 12 4.15 -11.21 13.83
C PHE A 12 2.99 -12.18 13.61
N VAL A 13 3.26 -13.30 12.96
CA VAL A 13 2.28 -14.41 12.82
C VAL A 13 1.69 -14.76 14.20
N GLY A 14 0.38 -14.83 14.28
CA GLY A 14 -0.30 -15.04 15.55
C GLY A 14 -0.74 -13.79 16.29
N LYS A 15 -0.34 -12.63 15.78
CA LYS A 15 -0.65 -11.38 16.44
C LYS A 15 -2.12 -11.02 16.34
N HIS A 16 -2.70 -10.60 17.45
CA HIS A 16 -4.06 -10.11 17.45
C HIS A 16 -3.98 -8.67 17.94
N LEU A 17 -4.28 -7.74 17.02
CA LEU A 17 -4.05 -6.30 17.21
C LEU A 17 -5.35 -5.51 17.29
N VAL A 18 -5.52 -4.73 18.35
CA VAL A 18 -6.58 -3.70 18.32
C VAL A 18 -5.89 -2.36 18.01
N TYR A 19 -6.36 -1.69 16.98
CA TYR A 19 -5.87 -0.34 16.75
C TYR A 19 -7.02 0.62 16.66
N THR A 20 -6.70 1.87 16.96
CA THR A 20 -7.69 2.89 17.35
C THR A 20 -7.28 4.24 16.69
N TYR A 21 -8.12 4.71 15.77
CA TYR A 21 -7.91 6.01 15.15
C TYR A 21 -8.17 7.14 16.17
N ASP A 22 -7.82 8.36 15.76
CA ASP A 22 -7.82 9.53 16.66
C ASP A 22 -9.24 9.88 17.07
N ASN A 23 -10.21 9.51 16.23
CA ASN A 23 -11.64 9.65 16.56
C ASN A 23 -12.19 8.54 17.50
N GLY A 24 -11.31 7.68 18.00
CA GLY A 24 -11.70 6.56 18.88
C GLY A 24 -12.27 5.27 18.28
N TRP A 25 -12.38 5.13 16.97
CA TRP A 25 -12.91 3.86 16.45
C TRP A 25 -11.89 2.73 16.53
N ASN A 26 -12.37 1.55 16.94
CA ASN A 26 -11.52 0.38 17.08
C ASN A 26 -11.58 -0.53 15.87
N TYR A 27 -10.40 -1.04 15.48
CA TYR A 27 -10.25 -1.97 14.37
C TYR A 27 -9.42 -3.19 14.84
N GLU A 28 -9.62 -4.33 14.21
CA GLU A 28 -8.88 -5.52 14.54
C GLU A 28 -8.21 -6.20 13.34
N ILE A 29 -6.97 -6.63 13.50
CA ILE A 29 -6.28 -7.54 12.57
C ILE A 29 -5.85 -8.79 13.38
N TYR A 30 -6.14 -9.98 12.88
CA TYR A 30 -5.48 -11.16 13.38
C TYR A 30 -4.57 -11.77 12.29
N VAL A 31 -3.26 -11.85 12.55
CA VAL A 31 -2.31 -12.41 11.52
C VAL A 31 -2.32 -13.93 11.67
N LYS A 32 -3.15 -14.59 10.85
CA LYS A 32 -3.46 -16.01 10.95
C LYS A 32 -2.25 -16.90 10.57
N ASN A 33 -1.55 -16.55 9.51
CA ASN A 33 -0.35 -17.28 9.15
C ASN A 33 0.52 -16.38 8.30
N ASP A 34 1.51 -16.94 7.63
CA ASP A 34 2.45 -16.09 6.93
C ASP A 34 1.88 -15.44 5.64
N ASN A 35 0.71 -15.89 5.19
CA ASN A 35 0.03 -15.20 4.08
C ASN A 35 -1.48 -15.05 4.22
N THR A 36 -1.99 -14.95 5.44
CA THR A 36 -3.44 -14.90 5.64
C THR A 36 -3.75 -13.98 6.80
N ILE A 37 -4.80 -13.15 6.65
CA ILE A 37 -5.34 -12.42 7.79
C ILE A 37 -6.84 -12.48 7.94
N ASP A 38 -7.27 -12.27 9.17
CA ASP A 38 -8.65 -12.01 9.48
C ASP A 38 -8.69 -10.54 9.91
N TYR A 39 -9.80 -9.87 9.62
CA TYR A 39 -10.03 -8.55 10.17
C TYR A 39 -11.46 -8.25 10.53
N ARG A 40 -11.63 -7.22 11.34
CA ARG A 40 -12.94 -6.90 11.84
C ARG A 40 -13.02 -5.39 12.10
N ILE A 41 -14.02 -4.75 11.47
CA ILE A 41 -14.25 -3.31 11.60
C ILE A 41 -15.45 -3.10 12.52
N HIS A 42 -15.30 -2.21 13.48
CA HIS A 42 -16.35 -1.93 14.47
C HIS A 42 -17.29 -0.79 14.06
N SER A 43 -16.71 0.31 13.57
CA SER A 43 -17.44 1.61 13.49
C SER A 43 -17.27 2.28 12.14
N GLY A 44 -18.07 3.32 11.89
CA GLY A 44 -17.90 4.12 10.68
C GLY A 44 -18.75 3.67 9.50
N LEU A 45 -18.41 4.13 8.32
CA LEU A 45 -19.27 3.89 7.17
C LEU A 45 -19.27 2.43 6.74
N VAL A 46 -18.23 1.70 7.12
CA VAL A 46 -18.18 0.26 6.86
C VAL A 46 -18.13 -0.56 8.17
N GLY A 47 -18.65 0.05 9.24
CA GLY A 47 -18.73 -0.60 10.52
C GLY A 47 -19.50 -1.91 10.46
N ASN A 48 -18.97 -2.90 11.19
CA ASN A 48 -19.51 -4.26 11.25
C ASN A 48 -19.10 -5.15 10.10
N ARG A 49 -18.46 -4.60 9.06
CA ARG A 49 -17.82 -5.44 8.07
C ARG A 49 -16.72 -6.31 8.73
N TRP A 50 -16.69 -7.59 8.40
CA TRP A 50 -15.55 -8.39 8.83
C TRP A 50 -15.21 -9.46 7.79
N VAL A 51 -14.02 -10.02 7.91
CA VAL A 51 -13.44 -10.88 6.85
C VAL A 51 -12.49 -11.92 7.48
N LYS A 52 -12.60 -13.18 7.02
CA LYS A 52 -11.72 -14.23 7.44
C LYS A 52 -10.93 -14.76 6.23
N ASP A 53 -9.71 -15.23 6.45
CA ASP A 53 -8.95 -15.96 5.42
C ASP A 53 -8.64 -15.10 4.21
N GLN A 54 -8.24 -13.84 4.46
CA GLN A 54 -7.83 -12.93 3.38
C GLN A 54 -6.37 -13.25 3.08
N GLU A 55 -6.09 -13.73 1.86
CA GLU A 55 -4.76 -13.93 1.35
C GLU A 55 -4.11 -12.55 1.26
N ALA A 56 -2.89 -12.42 1.76
CA ALA A 56 -2.21 -11.15 1.88
C ALA A 56 -0.72 -11.34 1.65
N TYR A 57 -0.01 -10.24 1.37
CA TYR A 57 1.46 -10.27 1.27
C TYR A 57 1.94 -9.63 2.55
N ILE A 58 2.59 -10.45 3.39
CA ILE A 58 3.02 -10.05 4.72
C ILE A 58 4.52 -10.11 4.72
N VAL A 59 5.16 -8.95 4.90
CA VAL A 59 6.62 -8.85 4.99
C VAL A 59 7.07 -8.16 6.28
N ARG A 60 8.34 -8.36 6.61
CA ARG A 60 8.98 -7.62 7.71
C ARG A 60 9.87 -6.48 7.17
N VAL A 61 9.61 -5.26 7.64
CA VAL A 61 10.37 -4.12 7.11
C VAL A 61 11.24 -3.36 8.10
N GLY A 62 11.23 -3.81 9.34
CA GLY A 62 12.08 -3.25 10.39
C GLY A 62 12.10 -4.26 11.53
N GLU A 63 12.84 -3.94 12.60
CA GLU A 63 13.03 -4.87 13.72
C GLU A 63 11.67 -5.44 14.24
N SER A 64 10.72 -4.55 14.52
CA SER A 64 9.37 -4.97 14.91
C SER A 64 8.32 -4.17 14.14
N ILE A 65 8.60 -3.98 12.85
CA ILE A 65 7.68 -3.30 11.92
C ILE A 65 7.38 -4.21 10.76
N TYR A 66 6.08 -4.41 10.57
CA TYR A 66 5.55 -5.31 9.54
C TYR A 66 4.59 -4.60 8.56
N LYS A 67 4.45 -5.18 7.35
CA LYS A 67 3.59 -4.65 6.31
C LYS A 67 2.70 -5.76 5.80
N ILE A 68 1.43 -5.46 5.55
CA ILE A 68 0.42 -6.40 5.02
C ILE A 68 -0.29 -5.68 3.93
N SER A 69 -0.31 -6.28 2.76
CA SER A 69 -0.99 -5.74 1.61
C SER A 69 -1.85 -6.83 0.99
N TRP A 70 -3.01 -6.41 0.46
CA TRP A 70 -3.86 -7.35 -0.26
C TRP A 70 -4.88 -6.65 -1.14
N THR A 71 -5.58 -7.44 -1.96
CA THR A 71 -6.65 -6.95 -2.80
C THR A 71 -7.96 -7.68 -2.43
N GLU A 72 -9.07 -6.94 -2.43
CA GLU A 72 -10.32 -7.41 -1.92
C GLU A 72 -11.29 -7.72 -3.09
N PRO A 73 -12.28 -8.60 -2.85
CA PRO A 73 -13.21 -8.95 -3.92
C PRO A 73 -14.07 -7.77 -4.38
N THR A 74 -14.12 -6.70 -3.59
CA THR A 74 -14.84 -5.48 -3.98
C THR A 74 -14.09 -4.62 -5.01
N GLY A 75 -12.79 -4.90 -5.23
CA GLY A 75 -11.92 -4.04 -6.04
C GLY A 75 -11.00 -3.16 -5.20
N THR A 76 -11.29 -3.01 -3.90
CA THR A 76 -10.40 -2.33 -2.95
C THR A 76 -8.96 -2.90 -2.78
N ASP A 77 -7.97 -2.02 -2.72
CA ASP A 77 -6.59 -2.39 -2.42
C ASP A 77 -6.17 -1.84 -1.06
N VAL A 78 -5.42 -2.64 -0.28
CA VAL A 78 -5.02 -2.24 1.08
C VAL A 78 -3.50 -2.38 1.26
N SER A 79 -2.88 -1.42 1.94
CA SER A 79 -1.48 -1.61 2.35
C SER A 79 -1.30 -0.91 3.66
N LEU A 80 -0.91 -1.69 4.68
CA LEU A 80 -0.83 -1.24 6.07
C LEU A 80 0.54 -1.50 6.65
N ILE A 81 0.87 -0.71 7.64
CA ILE A 81 2.07 -0.82 8.44
C ILE A 81 1.67 -1.05 9.91
N VAL A 82 2.23 -2.13 10.47
CA VAL A 82 2.15 -2.38 11.91
C VAL A 82 3.57 -2.24 12.53
N ASN A 83 3.79 -1.13 13.25
CA ASN A 83 5.03 -0.85 13.97
C ASN A 83 4.78 -1.15 15.43
N LEU A 84 5.27 -2.31 15.88
CA LEU A 84 4.86 -2.81 17.19
C LEU A 84 5.65 -2.08 18.29
N GLY A 85 6.92 -1.83 18.02
CA GLY A 85 7.78 -1.11 18.95
C GLY A 85 7.35 0.31 19.27
N ASP A 86 6.78 1.02 18.29
CA ASP A 86 6.34 2.37 18.51
C ASP A 86 4.83 2.50 18.71
N SER A 87 4.15 1.36 18.85
CA SER A 87 2.67 1.30 18.95
C SER A 87 1.92 2.11 17.86
N LEU A 88 2.42 2.04 16.63
CA LEU A 88 2.00 2.94 15.55
C LEU A 88 1.43 2.11 14.41
N PHE A 89 0.22 2.44 13.97
CA PHE A 89 -0.42 1.80 12.79
C PHE A 89 -0.48 2.86 11.68
N HIS A 90 -0.30 2.42 10.43
CA HIS A 90 -0.58 3.29 9.33
C HIS A 90 -1.21 2.53 8.19
N GLY A 91 -2.30 3.06 7.67
CA GLY A 91 -3.04 2.34 6.66
C GLY A 91 -3.29 3.18 5.45
N THR A 92 -3.07 2.54 4.30
CA THR A 92 -3.57 3.09 3.05
C THR A 92 -4.60 2.18 2.34
N ILE A 93 -5.75 2.78 2.04
CA ILE A 93 -6.80 2.07 1.38
C ILE A 93 -7.12 2.79 0.06
N PHE A 94 -7.12 2.00 -1.03
CA PHE A 94 -7.51 2.44 -2.35
C PHE A 94 -8.91 1.92 -2.70
N PHE A 95 -9.91 2.74 -2.39
CA PHE A 95 -11.32 2.39 -2.56
C PHE A 95 -11.83 2.67 -3.97
N PRO A 96 -12.52 1.70 -4.60
CA PRO A 96 -13.24 2.02 -5.83
C PRO A 96 -14.30 3.09 -5.54
N ARG A 97 -14.78 3.74 -6.62
CA ARG A 97 -15.62 4.92 -6.48
C ARG A 97 -16.97 4.48 -5.91
N TRP A 98 -17.47 3.35 -6.39
CA TRP A 98 -18.73 2.76 -5.95
C TRP A 98 -18.83 2.53 -4.44
N VAL A 99 -17.70 2.16 -3.84
CA VAL A 99 -17.59 1.94 -2.37
C VAL A 99 -17.69 3.28 -1.61
N MET A 100 -17.07 4.32 -2.16
CA MET A 100 -17.24 5.63 -1.55
C MET A 100 -18.69 6.06 -1.61
N ASN A 101 -19.40 5.68 -2.67
CA ASN A 101 -20.78 6.17 -2.83
C ASN A 101 -21.78 5.41 -2.02
N ASN A 102 -21.60 4.08 -1.93
CA ASN A 102 -22.48 3.22 -1.14
C ASN A 102 -21.63 2.23 -0.28
N PRO A 103 -20.90 2.76 0.73
CA PRO A 103 -20.07 1.88 1.57
C PRO A 103 -20.85 0.75 2.26
N GLU A 104 -22.14 0.97 2.54
CA GLU A 104 -23.00 -0.05 3.18
C GLU A 104 -23.18 -1.41 2.46
N PRO A 105 -23.02 -1.46 1.11
CA PRO A 105 -23.14 -2.79 0.51
C PRO A 105 -21.89 -3.66 0.71
N THR A 106 -20.83 -3.12 1.34
CA THR A 106 -19.67 -3.96 1.69
C THR A 106 -19.76 -4.47 3.15
N VAL A 107 -20.77 -3.96 3.86
CA VAL A 107 -20.95 -4.29 5.29
C VAL A 107 -21.64 -5.66 5.40
N CYS A 108 -20.84 -6.70 5.62
CA CYS A 108 -21.36 -8.06 5.82
C CYS A 108 -20.23 -8.94 6.38
N PHE A 109 -20.53 -10.19 6.73
CA PHE A 109 -19.51 -11.26 6.77
C PHE A 109 -19.17 -11.58 5.32
N GLN A 110 -18.11 -10.99 4.81
CA GLN A 110 -17.85 -11.05 3.35
C GLN A 110 -17.71 -12.46 2.79
N ASN A 111 -17.21 -13.36 3.63
CA ASN A 111 -17.00 -14.77 3.25
C ASN A 111 -18.23 -15.48 2.74
N ASP A 112 -19.40 -15.06 3.28
CA ASP A 112 -20.69 -15.52 2.78
C ASP A 112 -21.22 -14.81 1.51
N HIS A 113 -20.52 -13.78 1.00
CA HIS A 113 -21.02 -12.95 -0.08
C HIS A 113 -19.93 -12.56 -1.11
N ILE A 114 -19.00 -13.45 -1.42
CA ILE A 114 -17.88 -13.04 -2.31
C ILE A 114 -18.33 -12.75 -3.76
N PRO A 115 -19.23 -13.60 -4.32
CA PRO A 115 -19.84 -13.33 -5.65
C PRO A 115 -20.58 -11.98 -5.71
N LEU A 116 -21.37 -11.67 -4.68
CA LEU A 116 -22.01 -10.36 -4.59
C LEU A 116 -21.01 -9.17 -4.63
N MET A 117 -19.93 -9.26 -3.83
CA MET A 117 -18.86 -8.24 -3.84
C MET A 117 -18.27 -8.08 -5.24
N ASN A 118 -17.99 -9.22 -5.90
CA ASN A 118 -17.51 -9.21 -7.30
C ASN A 118 -18.54 -8.56 -8.26
N SER A 119 -19.83 -8.83 -8.03
CA SER A 119 -20.88 -8.28 -8.88
C SER A 119 -20.93 -6.77 -8.72
N TYR A 120 -20.89 -6.31 -7.47
CA TYR A 120 -20.82 -4.87 -7.21
C TYR A 120 -19.53 -4.27 -7.79
N ARG A 121 -18.46 -5.02 -7.66
CA ARG A 121 -17.17 -4.57 -8.19
C ARG A 121 -17.29 -4.30 -9.71
N GLU A 122 -17.76 -5.30 -10.47
CA GLU A 122 -17.93 -5.19 -11.94
C GLU A 122 -18.84 -4.04 -12.37
N ALA A 123 -19.89 -3.82 -11.58
CA ALA A 123 -20.86 -2.77 -11.87
C ALA A 123 -20.43 -1.33 -11.54
N GLY A 124 -20.70 -0.88 -10.30
CA GLY A 124 -20.67 0.56 -9.88
C GLY A 124 -19.33 0.94 -10.38
N PRO A 125 -19.09 2.25 -10.53
CA PRO A 125 -17.80 2.66 -11.13
C PRO A 125 -16.59 2.34 -10.23
N ALA A 126 -15.54 1.78 -10.85
CA ALA A 126 -14.24 1.61 -10.24
C ALA A 126 -13.56 2.96 -9.91
N TYR A 127 -13.73 3.94 -10.81
CA TYR A 127 -12.96 5.16 -10.81
C TYR A 127 -13.84 6.43 -10.68
N PRO A 128 -13.28 7.53 -10.16
CA PRO A 128 -11.89 7.63 -9.64
C PRO A 128 -11.70 6.87 -8.30
N THR A 129 -10.48 6.36 -8.11
CA THR A 129 -10.08 5.73 -6.86
C THR A 129 -9.93 6.80 -5.78
N GLU A 130 -10.40 6.51 -4.58
CA GLU A 130 -10.16 7.37 -3.44
C GLU A 130 -9.03 6.73 -2.61
N VAL A 131 -7.98 7.48 -2.30
CA VAL A 131 -6.91 6.97 -1.45
C VAL A 131 -7.18 7.50 -0.05
N ILE A 132 -7.50 6.62 0.90
CA ILE A 132 -7.56 6.99 2.33
C ILE A 132 -6.32 6.53 3.09
N ASP A 133 -5.59 7.52 3.63
CA ASP A 133 -4.26 7.34 4.13
C ASP A 133 -4.17 7.93 5.53
N GLU A 134 -3.96 7.05 6.53
CA GLU A 134 -4.19 7.44 7.92
C GLU A 134 -3.48 6.61 8.98
N PHE A 135 -2.83 7.30 9.93
CA PHE A 135 -2.27 6.70 11.12
C PHE A 135 -3.39 6.25 12.11
N ALA A 136 -3.09 5.23 12.91
CA ALA A 136 -3.87 4.95 14.12
C ALA A 136 -2.90 4.48 15.24
N THR A 137 -3.42 4.36 16.45
CA THR A 137 -2.64 3.96 17.60
C THR A 137 -2.93 2.50 17.96
N ILE A 138 -1.88 1.71 18.16
CA ILE A 138 -2.05 0.30 18.54
C ILE A 138 -2.36 0.30 20.05
N THR A 139 -3.55 -0.15 20.39
CA THR A 139 -4.04 0.06 21.74
C THR A 139 -4.08 -1.23 22.53
N PHE A 140 -3.97 -2.36 21.82
CA PHE A 140 -3.95 -3.67 22.43
C PHE A 140 -3.33 -4.73 21.50
N VAL A 141 -2.47 -5.56 22.09
CA VAL A 141 -1.80 -6.67 21.37
C VAL A 141 -1.75 -7.91 22.28
N ARG A 142 -1.99 -9.05 21.64
CA ARG A 142 -2.14 -10.35 22.21
C ARG A 142 -1.40 -11.23 21.18
N ASP A 143 -1.06 -12.43 21.63
CA ASP A 143 -0.67 -13.51 20.72
C ASP A 143 -1.54 -14.75 20.86
N CYS A 144 -2.03 -15.24 19.72
CA CYS A 144 -3.10 -16.21 19.76
C CYS A 144 -2.67 -17.47 19.03
N GLY A 145 -1.46 -17.45 18.49
CA GLY A 145 -0.94 -18.51 17.67
C GLY A 145 -1.52 -18.47 16.29
N ALA A 146 -0.86 -19.21 15.41
CA ALA A 146 -1.18 -19.33 14.01
C ALA A 146 -2.44 -20.21 13.84
N ASN A 147 -3.21 -19.90 12.80
CA ASN A 147 -4.39 -20.69 12.42
C ASN A 147 -5.44 -20.88 13.51
N ASN A 148 -5.69 -19.82 14.26
CA ASN A 148 -6.64 -19.88 15.35
C ASN A 148 -7.98 -19.28 14.88
N GLU A 149 -8.96 -20.14 14.67
CA GLU A 149 -10.22 -19.69 14.10
C GLU A 149 -11.12 -19.06 15.12
N SER A 150 -10.68 -19.05 16.37
CA SER A 150 -11.51 -18.49 17.41
C SER A 150 -11.22 -17.00 17.68
N VAL A 151 -10.09 -16.47 17.21
CA VAL A 151 -9.79 -15.01 17.35
C VAL A 151 -10.91 -14.09 16.76
N ILE A 152 -11.23 -14.30 15.49
CA ILE A 152 -12.23 -13.47 14.85
C ILE A 152 -13.32 -14.39 14.30
N ALA A 153 -14.43 -14.43 15.03
CA ALA A 153 -15.42 -15.48 14.81
C ALA A 153 -16.84 -14.94 14.93
N CYS A 154 -16.95 -13.62 15.07
CA CYS A 154 -18.29 -12.95 14.97
C CYS A 154 -18.16 -11.50 14.50
N ALA A 155 -19.27 -10.89 14.10
CA ALA A 155 -19.32 -9.46 13.83
C ALA A 155 -19.00 -8.68 15.12
N ALA A 156 -18.37 -7.54 14.93
CA ALA A 156 -18.10 -6.65 16.03
C ALA A 156 -19.38 -6.36 16.86
N SER A 157 -20.53 -6.31 16.22
CA SER A 157 -21.80 -6.01 16.93
C SER A 157 -22.21 -7.11 17.93
N GLU A 158 -21.52 -8.26 17.85
CA GLU A 158 -21.76 -9.41 18.76
C GLU A 158 -20.78 -9.44 19.93
N LEU A 159 -19.75 -8.60 19.86
CA LEU A 159 -18.79 -8.50 20.96
C LEU A 159 -19.40 -7.67 22.12
N PRO A 160 -18.81 -7.78 23.33
CA PRO A 160 -19.18 -6.91 24.46
C PRO A 160 -19.10 -5.42 24.13
N LYS A 161 -20.04 -4.63 24.64
CA LYS A 161 -19.97 -3.17 24.45
C LYS A 161 -18.75 -2.54 25.15
N ASN A 162 -18.27 -3.26 26.17
CA ASN A 162 -17.02 -3.03 26.89
C ASN A 162 -15.73 -2.99 26.03
N PHE A 163 -15.80 -3.52 24.80
CA PHE A 163 -14.61 -3.84 24.00
C PHE A 163 -13.59 -2.70 23.89
N PRO A 164 -12.27 -2.99 24.03
CA PRO A 164 -11.61 -4.31 24.30
C PRO A 164 -11.61 -4.73 25.79
N ASP A 165 -11.42 -6.03 26.05
CA ASP A 165 -11.90 -6.68 27.31
C ASP A 165 -11.15 -7.95 27.66
N ASN A 166 -9.89 -7.72 28.05
CA ASN A 166 -9.06 -8.63 28.79
C ASN A 166 -8.69 -8.02 30.16
N THR B 3 8.57 9.22 20.38
CA THR B 3 10.06 9.04 20.19
C THR B 3 10.58 9.96 19.06
N PHE B 4 9.82 10.01 17.96
CA PHE B 4 10.01 10.91 16.80
C PHE B 4 8.66 11.52 16.46
N ASP B 5 8.68 12.58 15.67
CA ASP B 5 7.48 13.21 15.15
C ASP B 5 7.11 12.55 13.83
N LYS B 6 5.93 11.92 13.79
CA LYS B 6 5.55 11.11 12.63
C LYS B 6 5.15 11.95 11.43
N HIS B 7 4.96 13.23 11.69
CA HIS B 7 4.62 14.20 10.65
C HIS B 7 5.83 14.98 10.09
N ASP B 8 7.00 14.83 10.71
CA ASP B 8 8.20 15.50 10.21
C ASP B 8 8.90 14.68 9.09
N LEU B 9 8.84 15.23 7.88
CA LEU B 9 9.31 14.55 6.66
C LEU B 9 10.69 15.05 6.16
N SER B 10 11.32 15.91 6.95
CA SER B 10 12.60 16.56 6.61
C SER B 10 13.73 15.58 6.24
N GLY B 11 13.70 14.40 6.83
CA GLY B 11 14.70 13.37 6.54
C GLY B 11 14.46 12.59 5.26
N PHE B 12 13.36 12.85 4.58
CA PHE B 12 13.00 12.02 3.43
C PHE B 12 12.75 12.90 2.20
N VAL B 13 12.13 14.05 2.41
CA VAL B 13 11.88 15.00 1.33
C VAL B 13 13.22 15.37 0.70
N GLY B 14 13.30 15.24 -0.62
CA GLY B 14 14.51 15.57 -1.34
C GLY B 14 15.34 14.34 -1.63
N LYS B 15 15.00 13.21 -1.02
CA LYS B 15 15.77 11.95 -1.27
C LYS B 15 15.65 11.48 -2.72
N HIS B 16 16.75 10.96 -3.27
CA HIS B 16 16.76 10.44 -4.64
C HIS B 16 17.37 9.04 -4.52
N LEU B 17 16.59 8.01 -4.93
CA LEU B 17 16.99 6.62 -4.73
C LEU B 17 16.88 5.86 -6.02
N VAL B 18 17.88 5.03 -6.28
CA VAL B 18 17.84 4.07 -7.38
C VAL B 18 17.81 2.72 -6.67
N TYR B 19 16.96 1.83 -7.18
CA TYR B 19 16.75 0.58 -6.52
C TYR B 19 16.27 -0.52 -7.46
N THR B 20 16.57 -1.77 -7.11
CA THR B 20 16.18 -2.88 -7.93
C THR B 20 15.41 -3.87 -7.09
N TYR B 21 14.19 -4.18 -7.52
CA TYR B 21 13.42 -5.25 -6.90
C TYR B 21 14.11 -6.62 -7.08
N ASP B 22 13.70 -7.56 -6.21
CA ASP B 22 14.23 -8.91 -6.16
C ASP B 22 13.94 -9.65 -7.45
N ASN B 23 12.81 -9.26 -8.04
CA ASN B 23 12.45 -9.19 -9.46
C ASN B 23 13.43 -8.99 -10.57
N GLY B 24 14.42 -8.15 -10.32
CA GLY B 24 15.25 -7.52 -11.34
C GLY B 24 14.71 -6.20 -11.93
N TRP B 25 13.51 -5.77 -11.54
CA TRP B 25 12.97 -4.49 -12.03
C TRP B 25 13.67 -3.33 -11.36
N ASN B 26 14.30 -2.53 -12.21
CA ASN B 26 15.18 -1.42 -11.82
C ASN B 26 14.30 -0.16 -11.84
N TYR B 27 14.11 0.41 -10.66
CA TYR B 27 13.24 1.56 -10.45
C TYR B 27 14.03 2.69 -9.84
N GLU B 28 13.43 3.87 -9.89
CA GLU B 28 14.04 5.05 -9.36
C GLU B 28 12.93 6.03 -8.89
N ILE B 29 13.20 6.71 -7.79
CA ILE B 29 12.19 7.54 -7.12
C ILE B 29 12.91 8.85 -6.65
N TYR B 30 12.24 10.00 -6.70
CA TYR B 30 12.77 11.22 -6.13
C TYR B 30 11.60 11.84 -5.31
N VAL B 31 11.78 12.03 -4.00
CA VAL B 31 10.73 12.58 -3.14
C VAL B 31 10.78 14.09 -3.32
N LYS B 32 10.01 14.58 -4.29
CA LYS B 32 10.07 16.01 -4.73
C LYS B 32 9.61 17.01 -3.62
N ASN B 33 8.58 16.64 -2.88
CA ASN B 33 8.18 17.39 -1.71
C ASN B 33 7.25 16.54 -0.84
N ASP B 34 6.58 17.21 0.08
CA ASP B 34 5.69 16.62 1.07
C ASP B 34 4.52 15.79 0.49
N ASN B 35 4.09 16.07 -0.74
CA ASN B 35 3.02 15.29 -1.35
C ASN B 35 3.27 15.01 -2.85
N THR B 36 4.54 14.94 -3.23
CA THR B 36 4.82 14.75 -4.66
C THR B 36 6.03 13.90 -4.84
N ILE B 37 6.00 13.05 -5.85
CA ILE B 37 7.23 12.39 -6.32
C ILE B 37 7.36 12.49 -7.81
N ASP B 38 8.59 12.36 -8.28
CA ASP B 38 8.86 12.01 -9.66
C ASP B 38 9.38 10.57 -9.68
N TYR B 39 9.11 9.80 -10.73
CA TYR B 39 9.78 8.49 -10.78
C TYR B 39 10.20 8.08 -12.21
N ARG B 40 11.10 7.10 -12.29
CA ARG B 40 11.66 6.64 -13.55
C ARG B 40 11.88 5.14 -13.47
N ILE B 41 11.28 4.39 -14.40
CA ILE B 41 11.39 2.95 -14.45
C ILE B 41 12.41 2.63 -15.55
N HIS B 42 13.32 1.74 -15.23
CA HIS B 42 14.46 1.46 -16.12
C HIS B 42 14.28 0.14 -16.80
N SER B 43 13.72 -0.84 -16.08
CA SER B 43 13.43 -2.17 -16.66
C SER B 43 12.18 -2.84 -16.08
N GLY B 44 11.89 -4.01 -16.63
CA GLY B 44 10.75 -4.81 -16.20
C GLY B 44 9.56 -4.65 -17.12
N LEU B 45 8.42 -5.13 -16.64
CA LEU B 45 7.11 -4.97 -17.31
C LEU B 45 6.94 -3.60 -18.02
N VAL B 46 7.24 -2.49 -17.31
CA VAL B 46 6.88 -1.17 -17.81
C VAL B 46 8.17 -0.29 -17.93
N GLY B 47 9.27 -0.97 -18.26
CA GLY B 47 10.59 -0.37 -18.47
C GLY B 47 10.52 0.82 -19.40
N ASN B 48 11.23 1.88 -19.02
CA ASN B 48 11.24 3.16 -19.70
C ASN B 48 10.07 4.11 -19.44
N ARG B 49 9.02 3.63 -18.77
CA ARG B 49 8.00 4.55 -18.28
C ARG B 49 8.60 5.53 -17.24
N TRP B 50 8.18 6.79 -17.31
CA TRP B 50 8.57 7.77 -16.26
C TRP B 50 7.52 8.85 -16.04
N VAL B 51 7.58 9.52 -14.90
CA VAL B 51 6.43 10.27 -14.39
C VAL B 51 6.96 11.47 -13.60
N LYS B 52 6.44 12.67 -13.87
CA LYS B 52 6.77 13.76 -12.98
C LYS B 52 5.53 14.28 -12.27
N ASP B 53 5.71 14.80 -11.07
CA ASP B 53 4.63 15.49 -10.35
C ASP B 53 3.43 14.62 -10.01
N GLN B 54 3.71 13.34 -9.73
CA GLN B 54 2.72 12.43 -9.15
C GLN B 54 2.36 12.83 -7.69
N GLU B 55 1.09 13.12 -7.42
CA GLU B 55 0.64 13.48 -6.07
C GLU B 55 0.66 12.20 -5.28
N ALA B 56 1.11 12.26 -4.01
CA ALA B 56 1.42 11.05 -3.22
C ALA B 56 1.13 11.31 -1.74
N TYR B 57 0.98 10.22 -0.97
CA TYR B 57 0.80 10.30 0.45
C TYR B 57 2.09 9.83 1.05
N ILE B 58 2.79 10.76 1.70
CA ILE B 58 4.09 10.45 2.24
C ILE B 58 3.99 10.64 3.74
N VAL B 59 4.42 9.61 4.49
CA VAL B 59 4.38 9.60 5.96
C VAL B 59 5.64 8.98 6.50
N ARG B 60 5.85 9.18 7.80
CA ARG B 60 6.97 8.62 8.51
C ARG B 60 6.45 7.57 9.53
N VAL B 61 6.81 6.30 9.35
CA VAL B 61 6.24 5.19 10.15
C VAL B 61 7.18 4.65 11.24
N GLY B 62 8.35 5.26 11.34
CA GLY B 62 9.40 4.88 12.28
C GLY B 62 10.50 5.90 12.18
N GLU B 63 11.44 5.86 13.12
CA GLU B 63 12.43 6.94 13.19
C GLU B 63 13.15 7.21 11.86
N SER B 64 13.55 6.15 11.14
CA SER B 64 14.18 6.33 9.80
C SER B 64 13.48 5.54 8.71
N ILE B 65 12.18 5.28 8.90
CA ILE B 65 11.37 4.54 7.95
C ILE B 65 10.22 5.37 7.43
N TYR B 66 10.10 5.44 6.09
CA TYR B 66 9.08 6.28 5.44
C TYR B 66 8.22 5.48 4.47
N LYS B 67 7.08 6.02 4.13
CA LYS B 67 6.16 5.30 3.30
C LYS B 67 5.55 6.28 2.31
N ILE B 68 5.50 5.88 1.05
CA ILE B 68 4.86 6.69 -0.03
C ILE B 68 3.87 5.84 -0.78
N SER B 69 2.62 6.31 -0.83
CA SER B 69 1.58 5.67 -1.62
C SER B 69 0.88 6.66 -2.53
N TRP B 70 0.39 6.14 -3.66
CA TRP B 70 -0.38 6.91 -4.61
C TRP B 70 -1.17 6.00 -5.54
N THR B 71 -2.08 6.61 -6.27
CA THR B 71 -2.84 5.98 -7.33
C THR B 71 -2.54 6.74 -8.63
N GLU B 72 -2.56 6.04 -9.76
CA GLU B 72 -2.10 6.55 -11.04
C GLU B 72 -3.26 6.75 -12.02
N PRO B 73 -3.07 7.63 -13.04
CA PRO B 73 -4.03 7.88 -14.11
C PRO B 73 -4.49 6.60 -14.84
N THR B 74 -3.66 5.58 -14.80
CA THR B 74 -3.85 4.28 -15.44
C THR B 74 -4.71 3.32 -14.60
N GLY B 75 -4.94 3.64 -13.32
CA GLY B 75 -5.65 2.69 -12.41
C GLY B 75 -4.76 1.95 -11.42
N THR B 76 -3.43 2.07 -11.64
CA THR B 76 -2.43 1.46 -10.75
C THR B 76 -2.41 2.13 -9.34
N ASP B 77 -2.34 1.28 -8.32
CA ASP B 77 -1.98 1.71 -6.96
C ASP B 77 -0.60 1.21 -6.59
N VAL B 78 0.13 2.03 -5.82
CA VAL B 78 1.47 1.76 -5.34
C VAL B 78 1.60 2.14 -3.89
N SER B 79 2.25 1.26 -3.11
CA SER B 79 2.64 1.57 -1.73
C SER B 79 4.05 1.08 -1.48
N LEU B 80 4.91 2.05 -1.21
CA LEU B 80 6.33 1.85 -0.94
C LEU B 80 6.76 2.13 0.50
N ILE B 81 7.70 1.31 0.97
CA ILE B 81 8.39 1.53 2.25
C ILE B 81 9.85 1.82 1.93
N VAL B 82 10.36 2.89 2.52
CA VAL B 82 11.77 3.18 2.41
C VAL B 82 12.36 3.18 3.81
N ASN B 83 13.15 2.14 4.11
CA ASN B 83 13.79 2.03 5.40
C ASN B 83 15.27 2.41 5.29
N LEU B 84 15.54 3.71 5.51
CA LEU B 84 16.86 4.31 5.35
C LEU B 84 17.86 3.85 6.41
N GLY B 85 17.42 3.78 7.67
CA GLY B 85 18.23 3.19 8.76
C GLY B 85 18.81 1.82 8.49
N ASP B 86 17.98 0.89 7.99
CA ASP B 86 18.39 -0.49 7.72
C ASP B 86 18.69 -0.76 6.26
N SER B 87 18.54 0.30 5.44
CA SER B 87 18.81 0.22 4.01
C SER B 87 17.93 -0.85 3.39
N LEU B 88 16.65 -0.83 3.73
CA LEU B 88 15.69 -1.83 3.26
C LEU B 88 14.59 -1.14 2.48
N PHE B 89 14.29 -1.66 1.30
CA PHE B 89 13.24 -1.16 0.48
C PHE B 89 12.22 -2.26 0.31
N HIS B 90 10.96 -1.89 0.45
CA HIS B 90 9.86 -2.79 0.03
C HIS B 90 8.74 -2.07 -0.75
N GLY B 91 8.40 -2.66 -1.90
CA GLY B 91 7.41 -2.11 -2.79
C GLY B 91 6.22 -3.04 -3.07
N THR B 92 5.05 -2.44 -3.12
CA THR B 92 3.88 -3.12 -3.67
C THR B 92 3.10 -2.29 -4.73
N ILE B 93 2.86 -2.96 -5.85
CA ILE B 93 2.16 -2.40 -6.99
C ILE B 93 0.94 -3.24 -7.35
N PHE B 94 -0.19 -2.55 -7.45
CA PHE B 94 -1.49 -3.11 -7.77
C PHE B 94 -1.80 -2.71 -9.20
N PHE B 95 -1.37 -3.54 -10.13
CA PHE B 95 -1.55 -3.32 -11.54
C PHE B 95 -2.93 -3.75 -12.04
N PRO B 96 -3.61 -2.86 -12.78
CA PRO B 96 -4.87 -3.31 -13.38
C PRO B 96 -4.63 -4.40 -14.43
N ARG B 97 -5.66 -5.24 -14.69
CA ARG B 97 -5.50 -6.33 -15.67
C ARG B 97 -5.01 -5.86 -17.04
N TRP B 98 -5.55 -4.76 -17.53
CA TRP B 98 -5.19 -4.27 -18.87
C TRP B 98 -3.72 -3.90 -19.02
N VAL B 99 -3.14 -3.35 -17.95
CA VAL B 99 -1.73 -3.02 -17.88
C VAL B 99 -0.89 -4.31 -18.02
N MET B 100 -1.30 -5.36 -17.27
CA MET B 100 -0.70 -6.69 -17.40
C MET B 100 -0.74 -7.22 -18.84
N ASN B 101 -1.88 -7.07 -19.50
CA ASN B 101 -2.05 -7.54 -20.88
C ASN B 101 -1.27 -6.70 -21.91
N ASN B 102 -1.26 -5.37 -21.71
CA ASN B 102 -0.59 -4.49 -22.64
C ASN B 102 0.26 -3.42 -21.92
N PRO B 103 1.37 -3.83 -21.30
CA PRO B 103 2.13 -2.86 -20.50
C PRO B 103 2.78 -1.71 -21.32
N GLU B 104 3.05 -1.93 -22.60
CA GLU B 104 3.55 -0.86 -23.49
C GLU B 104 2.67 0.41 -23.63
N PRO B 105 1.30 0.30 -23.57
CA PRO B 105 0.48 1.53 -23.45
C PRO B 105 0.82 2.46 -22.31
N THR B 106 1.50 1.96 -21.29
CA THR B 106 1.83 2.82 -20.18
C THR B 106 3.25 3.34 -20.30
N VAL B 107 3.98 2.79 -21.29
CA VAL B 107 5.41 3.05 -21.44
C VAL B 107 5.60 4.37 -22.23
N CYS B 108 5.89 5.45 -21.50
CA CYS B 108 5.92 6.82 -22.05
C CYS B 108 6.29 7.82 -20.93
N PHE B 109 6.50 9.07 -21.31
CA PHE B 109 6.50 10.18 -20.35
C PHE B 109 5.06 10.48 -20.08
N GLN B 110 4.56 9.93 -19.00
CA GLN B 110 3.13 9.94 -18.80
C GLN B 110 2.51 11.35 -18.80
N ASN B 111 3.28 12.37 -18.37
CA ASN B 111 2.78 13.77 -18.32
C ASN B 111 2.27 14.31 -19.62
N ASP B 112 2.83 13.82 -20.75
CA ASP B 112 2.39 14.15 -22.11
C ASP B 112 1.13 13.40 -22.56
N HIS B 113 0.67 12.45 -21.76
CA HIS B 113 -0.41 11.56 -22.21
C HIS B 113 -1.44 11.20 -21.11
N ILE B 114 -1.74 12.12 -20.20
CA ILE B 114 -2.61 11.75 -19.04
C ILE B 114 -4.06 11.38 -19.41
N PRO B 115 -4.75 12.22 -20.24
CA PRO B 115 -6.09 11.80 -20.68
C PRO B 115 -6.11 10.45 -21.44
N LEU B 116 -5.04 10.13 -22.15
CA LEU B 116 -4.85 8.83 -22.77
C LEU B 116 -4.81 7.71 -21.72
N MET B 117 -4.00 7.85 -20.66
CA MET B 117 -3.96 6.85 -19.57
C MET B 117 -5.34 6.62 -18.98
N ASN B 118 -6.08 7.73 -18.79
CA ASN B 118 -7.42 7.71 -18.23
C ASN B 118 -8.36 6.91 -19.14
N SER B 119 -8.22 7.12 -20.44
CA SER B 119 -9.08 6.42 -21.37
C SER B 119 -8.77 4.93 -21.37
N TYR B 120 -7.49 4.55 -21.29
CA TYR B 120 -7.17 3.13 -21.17
C TYR B 120 -7.69 2.56 -19.81
N ARG B 121 -7.48 3.30 -18.74
CA ARG B 121 -8.03 2.96 -17.43
C ARG B 121 -9.51 2.58 -17.56
N GLU B 122 -10.27 3.46 -18.18
CA GLU B 122 -11.71 3.33 -18.30
C GLU B 122 -12.21 2.17 -19.14
N ALA B 123 -11.46 1.85 -20.17
CA ALA B 123 -11.83 0.81 -21.09
C ALA B 123 -11.54 -0.57 -20.57
N GLY B 124 -10.27 -0.80 -20.25
CA GLY B 124 -9.67 -2.14 -20.56
C GLY B 124 -10.14 -2.80 -19.34
N PRO B 125 -9.91 -4.12 -19.21
CA PRO B 125 -10.42 -4.70 -17.97
C PRO B 125 -9.60 -4.20 -16.77
N ALA B 126 -10.28 -3.75 -15.72
CA ALA B 126 -9.63 -3.33 -14.49
C ALA B 126 -9.11 -4.55 -13.68
N TYR B 127 -9.90 -5.64 -13.74
CA TYR B 127 -9.75 -6.82 -12.91
C TYR B 127 -9.53 -8.14 -13.70
N PRO B 128 -8.90 -9.16 -13.09
CA PRO B 128 -8.31 -9.15 -11.73
C PRO B 128 -7.01 -8.31 -11.59
N THR B 129 -6.93 -7.61 -10.45
CA THR B 129 -5.71 -6.90 -10.04
C THR B 129 -4.50 -7.87 -9.84
N GLU B 130 -3.34 -7.50 -10.38
CA GLU B 130 -2.13 -8.26 -10.26
C GLU B 130 -1.32 -7.54 -9.20
N VAL B 131 -0.87 -8.25 -8.18
CA VAL B 131 -0.13 -7.60 -7.13
C VAL B 131 1.33 -8.02 -7.26
N ILE B 132 2.20 -7.03 -7.46
CA ILE B 132 3.64 -7.21 -7.36
C ILE B 132 4.02 -6.74 -5.96
N ASP B 133 4.59 -7.64 -5.18
CA ASP B 133 5.03 -7.30 -3.84
C ASP B 133 6.48 -7.77 -3.68
N GLU B 134 7.42 -6.84 -3.62
CA GLU B 134 8.84 -7.22 -3.60
C GLU B 134 9.71 -6.32 -2.71
N PHE B 135 10.72 -6.95 -2.10
CA PHE B 135 11.85 -6.25 -1.53
C PHE B 135 12.77 -5.74 -2.64
N ALA B 136 13.57 -4.75 -2.29
CA ALA B 136 14.53 -4.16 -3.21
C ALA B 136 15.73 -3.81 -2.39
N THR B 137 16.88 -3.80 -3.06
CA THR B 137 18.09 -3.18 -2.50
C THR B 137 18.16 -1.76 -3.05
N ILE B 138 18.47 -0.83 -2.14
CA ILE B 138 18.71 0.57 -2.51
C ILE B 138 20.16 0.63 -2.97
N THR B 139 20.38 0.84 -4.27
CA THR B 139 21.74 0.83 -4.86
C THR B 139 22.40 2.22 -4.96
N PHE B 140 21.68 3.26 -4.55
CA PHE B 140 22.15 4.65 -4.68
C PHE B 140 21.12 5.54 -3.96
N VAL B 141 21.57 6.33 -2.99
CA VAL B 141 20.75 7.34 -2.29
C VAL B 141 21.52 8.67 -2.22
N ARG B 142 20.85 9.77 -2.56
CA ARG B 142 21.47 11.09 -2.32
C ARG B 142 20.35 12.06 -1.92
N ASP B 143 20.70 13.24 -1.42
CA ASP B 143 19.68 14.27 -1.19
C ASP B 143 19.89 15.35 -2.26
N CYS B 144 18.78 15.71 -2.92
CA CYS B 144 18.81 16.66 -4.01
C CYS B 144 18.15 18.01 -3.68
N GLY B 145 17.56 18.12 -2.49
CA GLY B 145 16.66 19.20 -2.15
C GLY B 145 15.30 18.86 -2.72
N ALA B 146 14.27 19.56 -2.21
CA ALA B 146 12.90 19.46 -2.69
C ALA B 146 12.70 20.32 -3.94
N ASN B 147 11.70 19.97 -4.77
CA ASN B 147 11.32 20.83 -5.90
C ASN B 147 12.51 21.02 -6.89
N ASN B 148 13.34 20.01 -6.99
CA ASN B 148 14.48 20.07 -7.88
C ASN B 148 14.14 19.37 -9.20
N GLU B 149 13.90 20.19 -10.23
CA GLU B 149 13.36 19.72 -11.49
C GLU B 149 14.39 19.05 -12.40
N SER B 150 15.63 19.06 -11.97
CA SER B 150 16.69 18.46 -12.77
C SER B 150 16.93 16.98 -12.44
N VAL B 151 16.41 16.54 -11.29
CA VAL B 151 16.65 15.16 -10.81
C VAL B 151 16.09 14.15 -11.79
N ILE B 152 14.82 14.30 -12.19
CA ILE B 152 14.21 13.38 -13.16
C ILE B 152 13.68 14.13 -14.33
N ALA B 153 14.38 14.04 -15.47
CA ALA B 153 14.15 14.99 -16.56
C ALA B 153 14.36 14.34 -17.93
N CYS B 154 14.49 13.01 -17.94
CA CYS B 154 14.45 12.25 -19.19
C CYS B 154 14.06 10.80 -18.90
N ALA B 155 13.68 10.05 -19.94
CA ALA B 155 13.51 8.61 -19.86
C ALA B 155 14.86 8.00 -19.57
N ALA B 156 14.82 6.87 -18.87
CA ALA B 156 16.00 6.08 -18.53
C ALA B 156 16.83 5.64 -19.78
N SER B 157 16.19 5.59 -20.95
CA SER B 157 16.84 5.19 -22.19
C SER B 157 17.82 6.26 -22.63
N GLU B 158 17.58 7.49 -22.15
CA GLU B 158 18.40 8.64 -22.54
C GLU B 158 19.52 9.00 -21.56
N LEU B 159 19.67 8.22 -20.50
CA LEU B 159 20.63 8.51 -19.45
C LEU B 159 21.98 7.94 -19.85
N PRO B 160 23.08 8.48 -19.31
CA PRO B 160 24.37 7.83 -19.56
C PRO B 160 24.40 6.37 -19.13
N LYS B 161 25.11 5.58 -19.95
CA LYS B 161 25.22 4.14 -19.81
C LYS B 161 25.75 3.72 -18.44
N ASN B 162 26.62 4.53 -17.86
CA ASN B 162 27.11 4.24 -16.50
C ASN B 162 26.25 4.84 -15.33
N PHE B 163 25.01 5.23 -15.63
CA PHE B 163 24.09 5.72 -14.59
C PHE B 163 24.06 4.71 -13.44
N PRO B 164 24.05 5.19 -12.16
CA PRO B 164 24.13 6.57 -11.68
C PRO B 164 25.55 7.02 -11.27
N ASP B 165 26.57 6.42 -11.92
CA ASP B 165 27.98 6.63 -11.58
C ASP B 165 28.48 8.04 -11.91
N ASN B 166 27.71 8.75 -12.75
CA ASN B 166 27.89 10.19 -12.99
C ASN B 166 27.31 11.05 -11.86
#